data_2ZT6
#
_entry.id   2ZT6
#
_cell.length_a   116.608
_cell.length_b   138.862
_cell.length_c   133.819
_cell.angle_alpha   90.00
_cell.angle_beta   90.00
_cell.angle_gamma   90.00
#
_symmetry.space_group_name_H-M   'C 2 2 21'
#
loop_
_entity.id
_entity.type
_entity.pdbx_description
1 polymer 'Glycyl-tRNA synthetase'
2 non-polymer 'DIPHOSPHOMETHYLPHOSPHONIC ACID ADENOSYL ESTER'
3 water water
#
_entity_poly.entity_id   1
_entity_poly.type   'polypeptide(L)'
_entity_poly.pdbx_seq_one_letter_code
;MDGAGAEEVLAPLRLAVRQQGDLVRKLKEDKAPQVDVDKAVAELKARKRVLEAKELALQPKDDIVDRAKMEDTLKRRFFY
DQAFAIYGGVSGLYDFGPVGCALKNNIIQTWRQHFIQEEQILEIDCTMLTPEPVLKTSGHVDKFADFMVKDVKNGECFRA
DHLLKAHLQKLMSDKKCSVEKKSEMESVLAQLDNYGQQELADLFVNYNVKSPITGNDLSPPVSFNLMFKTFIGPGGNMPG
YLRPETAQGIFLNFKRLLEFNQGKLPFAAAQIGNSFRNEISPRSGLIRVREFTMAEIEHFVDPSEKDHPKFQNVADLHLY
LYSAKAQVSGQSARKMRLGDAVEQGVINNTVLGYFIGRIYLYLTKVGISPDKLRFRQHMENEMAHYACDCWDAESKTSYG
WIEIVGCADRSCYDLSCHARATKVPLVAEKPLKEPKTVNVVQFEPSKGAIGKAYKKDAKLVMEYLAICDECYITEMEMLL
NEKGEFTIETEGKTFQLTKDMINVKRFQKTLYVEEVVPNVIEPSFGLGRIMYTVFEHTFHVREGDEQRTFFSFPAVVAPF
KCSVLPLSQNQEFMPFVKELSEALTRHGVSHKVDDSSGSIGRRYARTDEIGVAFGVTIDFDTVNKTPHTATLRDRDSMRQ
IRAEISELPSIVQDLANGNITWADVEARYPLFEGQETGKKETIEELEHHHHHH
;
_entity_poly.pdbx_strand_id   A
#
# COMPACT_ATOMS: atom_id res chain seq x y z
N ILE A 64 13.91 -6.54 -9.53
CA ILE A 64 14.85 -5.57 -10.17
C ILE A 64 14.08 -4.68 -11.14
N VAL A 65 14.06 -3.38 -10.85
CA VAL A 65 13.37 -2.41 -11.69
C VAL A 65 14.16 -1.12 -11.77
N ASP A 66 14.26 -0.55 -12.97
CA ASP A 66 14.98 0.70 -13.17
C ASP A 66 14.17 1.88 -12.66
N ARG A 67 14.29 2.15 -11.38
CA ARG A 67 13.58 3.24 -10.73
C ARG A 67 13.65 4.53 -11.52
N ALA A 68 14.85 4.94 -11.90
CA ALA A 68 15.06 6.17 -12.66
C ALA A 68 14.09 6.25 -13.84
N LYS A 69 14.20 5.28 -14.74
CA LYS A 69 13.35 5.21 -15.92
C LYS A 69 11.87 5.30 -15.55
N MET A 70 11.48 4.54 -14.54
CA MET A 70 10.09 4.52 -14.09
C MET A 70 9.60 5.90 -13.63
N GLU A 71 10.23 6.43 -12.58
CA GLU A 71 9.85 7.73 -12.04
C GLU A 71 9.69 8.76 -13.15
N ASP A 72 10.56 8.68 -14.15
CA ASP A 72 10.50 9.60 -15.28
C ASP A 72 9.18 9.44 -16.04
N THR A 73 8.74 8.21 -16.21
CA THR A 73 7.50 7.92 -16.91
C THR A 73 6.31 8.37 -16.08
N LEU A 74 6.35 8.05 -14.79
CA LEU A 74 5.27 8.40 -13.87
C LEU A 74 5.05 9.91 -13.82
N LYS A 75 6.11 10.65 -13.60
CA LYS A 75 6.03 12.11 -13.54
C LYS A 75 5.64 12.72 -14.89
N ARG A 76 6.23 12.22 -15.97
CA ARG A 76 5.94 12.73 -17.29
C ARG A 76 4.46 12.57 -17.64
N ARG A 77 3.90 11.39 -17.37
CA ARG A 77 2.48 11.16 -17.66
C ARG A 77 1.64 11.65 -16.49
N PHE A 78 2.32 12.29 -15.55
CA PHE A 78 1.71 12.87 -14.35
C PHE A 78 0.86 11.94 -13.50
N PHE A 79 1.51 10.95 -12.89
CA PHE A 79 0.84 10.02 -11.98
C PHE A 79 0.94 10.76 -10.65
N TYR A 80 2.13 11.28 -10.40
CA TYR A 80 2.42 12.05 -9.20
C TYR A 80 3.65 12.89 -9.49
N ASP A 81 3.89 13.90 -8.66
CA ASP A 81 5.04 14.77 -8.84
C ASP A 81 5.26 15.62 -7.60
N GLN A 82 6.38 16.32 -7.53
CA GLN A 82 6.71 17.16 -6.40
C GLN A 82 5.70 18.28 -6.16
N ALA A 83 5.16 18.32 -4.94
CA ALA A 83 4.19 19.35 -4.59
C ALA A 83 4.95 20.67 -4.49
N PHE A 84 4.30 21.76 -4.90
CA PHE A 84 4.93 23.07 -4.89
C PHE A 84 6.25 22.98 -5.64
N ALA A 85 6.18 22.41 -6.84
CA ALA A 85 7.37 22.24 -7.67
C ALA A 85 8.01 23.57 -8.05
N ILE A 86 7.21 24.52 -8.51
CA ILE A 86 7.72 25.82 -8.92
C ILE A 86 8.29 26.66 -7.78
N TYR A 87 8.40 26.06 -6.60
CA TYR A 87 8.98 26.74 -5.44
C TYR A 87 10.14 25.91 -4.91
N GLY A 88 10.45 24.84 -5.62
CA GLY A 88 11.53 23.96 -5.21
C GLY A 88 10.99 22.68 -4.61
N GLY A 89 9.73 22.72 -4.20
CA GLY A 89 9.09 21.56 -3.61
C GLY A 89 9.53 21.24 -2.19
N VAL A 90 8.70 20.48 -1.49
CA VAL A 90 8.99 20.07 -0.11
C VAL A 90 9.10 18.56 -0.09
N SER A 91 10.23 18.05 0.38
CA SER A 91 10.43 16.60 0.44
C SER A 91 9.36 15.93 1.31
N GLY A 92 8.75 14.88 0.76
CA GLY A 92 7.73 14.16 1.49
C GLY A 92 6.34 14.59 1.07
N LEU A 93 6.26 15.53 0.14
CA LEU A 93 4.98 16.04 -0.35
C LEU A 93 4.87 15.92 -1.87
N TYR A 94 3.82 15.27 -2.34
CA TYR A 94 3.61 15.10 -3.76
C TYR A 94 2.14 15.31 -4.15
N ASP A 95 1.92 15.68 -5.42
CA ASP A 95 0.58 15.89 -5.93
C ASP A 95 0.28 14.79 -6.95
N PHE A 96 -0.95 14.29 -6.95
CA PHE A 96 -1.32 13.24 -7.89
C PHE A 96 -2.13 13.79 -9.05
N GLY A 97 -1.59 13.64 -10.25
CA GLY A 97 -2.25 14.12 -11.44
C GLY A 97 -3.46 13.27 -11.81
N PRO A 98 -4.16 13.61 -12.90
CA PRO A 98 -5.34 12.87 -13.35
C PRO A 98 -5.24 11.34 -13.29
N VAL A 99 -4.30 10.75 -14.04
CA VAL A 99 -4.13 9.31 -14.04
C VAL A 99 -3.82 8.78 -12.64
N GLY A 100 -2.95 9.49 -11.92
CA GLY A 100 -2.59 9.07 -10.58
C GLY A 100 -3.82 8.97 -9.70
N CYS A 101 -4.78 9.85 -9.92
CA CYS A 101 -6.01 9.84 -9.14
C CYS A 101 -6.92 8.70 -9.56
N ALA A 102 -7.06 8.50 -10.87
CA ALA A 102 -7.90 7.42 -11.39
C ALA A 102 -7.43 6.10 -10.82
N LEU A 103 -6.12 5.95 -10.68
CA LEU A 103 -5.53 4.74 -10.14
C LEU A 103 -5.70 4.71 -8.63
N LYS A 104 -5.37 5.83 -8.00
CA LYS A 104 -5.48 5.96 -6.55
C LYS A 104 -6.92 5.73 -6.11
N ASN A 105 -7.87 6.17 -6.93
CA ASN A 105 -9.28 6.00 -6.63
C ASN A 105 -9.70 4.55 -6.78
N ASN A 106 -9.28 3.91 -7.87
CA ASN A 106 -9.61 2.51 -8.12
C ASN A 106 -9.14 1.60 -6.99
N ILE A 107 -8.00 1.92 -6.40
CA ILE A 107 -7.45 1.12 -5.31
C ILE A 107 -8.27 1.27 -4.04
N ILE A 108 -8.70 2.49 -3.74
CA ILE A 108 -9.51 2.74 -2.55
C ILE A 108 -10.88 2.07 -2.73
N GLN A 109 -11.35 2.06 -3.97
CA GLN A 109 -12.64 1.46 -4.30
C GLN A 109 -12.57 -0.05 -4.11
N THR A 110 -11.45 -0.63 -4.55
CA THR A 110 -11.25 -2.07 -4.44
C THR A 110 -11.15 -2.47 -2.98
N TRP A 111 -10.49 -1.63 -2.19
CA TRP A 111 -10.32 -1.89 -0.76
C TRP A 111 -11.66 -1.84 -0.04
N ARG A 112 -12.50 -0.88 -0.42
CA ARG A 112 -13.82 -0.73 0.19
C ARG A 112 -14.63 -2.01 -0.03
N GLN A 113 -14.49 -2.58 -1.22
CA GLN A 113 -15.20 -3.81 -1.57
C GLN A 113 -14.63 -5.00 -0.83
N HIS A 114 -13.32 -5.17 -0.95
CA HIS A 114 -12.60 -6.28 -0.32
C HIS A 114 -12.74 -6.36 1.20
N PHE A 115 -12.96 -5.22 1.86
CA PHE A 115 -13.09 -5.23 3.32
C PHE A 115 -14.41 -4.71 3.89
N ILE A 116 -14.62 -3.40 3.82
CA ILE A 116 -15.85 -2.81 4.36
C ILE A 116 -17.10 -3.53 3.86
N GLN A 117 -17.17 -3.77 2.55
CA GLN A 117 -18.32 -4.43 1.96
C GLN A 117 -18.37 -5.93 2.26
N GLU A 118 -17.24 -6.60 2.12
CA GLU A 118 -17.13 -8.03 2.35
C GLU A 118 -17.25 -8.45 3.82
N GLU A 119 -17.05 -7.50 4.74
CA GLU A 119 -17.12 -7.82 6.15
C GLU A 119 -18.18 -7.00 6.89
N GLN A 120 -18.89 -6.15 6.17
CA GLN A 120 -19.92 -5.33 6.78
C GLN A 120 -19.31 -4.48 7.91
N ILE A 121 -18.21 -3.81 7.59
CA ILE A 121 -17.51 -2.97 8.56
C ILE A 121 -18.19 -1.62 8.74
N LEU A 122 -18.30 -1.17 9.98
CA LEU A 122 -18.91 0.13 10.28
C LEU A 122 -17.91 1.22 9.94
N GLU A 123 -18.31 2.12 9.04
CA GLU A 123 -17.43 3.21 8.61
C GLU A 123 -17.75 4.55 9.27
N ILE A 124 -16.74 5.17 9.84
CA ILE A 124 -16.90 6.48 10.47
C ILE A 124 -15.82 7.38 9.89
N ASP A 125 -15.99 8.69 10.02
CA ASP A 125 -15.01 9.63 9.49
C ASP A 125 -14.70 10.71 10.52
N CYS A 126 -13.63 10.49 11.28
CA CYS A 126 -13.23 11.42 12.33
C CYS A 126 -12.38 12.57 11.82
N THR A 127 -12.02 13.47 12.74
CA THR A 127 -11.22 14.64 12.41
C THR A 127 -9.73 14.32 12.38
N MET A 128 -8.96 15.20 11.76
CA MET A 128 -7.51 15.05 11.65
C MET A 128 -6.87 15.85 12.77
N LEU A 129 -7.48 16.99 13.10
CA LEU A 129 -6.97 17.84 14.18
C LEU A 129 -7.26 17.11 15.48
N THR A 130 -6.27 17.06 16.36
CA THR A 130 -6.45 16.39 17.65
C THR A 130 -5.87 17.20 18.81
N PRO A 131 -6.65 17.38 19.87
CA PRO A 131 -6.19 18.14 21.04
C PRO A 131 -5.14 17.34 21.80
N GLU A 132 -4.05 18.00 22.18
CA GLU A 132 -2.95 17.37 22.90
C GLU A 132 -3.36 16.29 23.92
N PRO A 133 -4.35 16.59 24.79
CA PRO A 133 -4.79 15.62 25.79
C PRO A 133 -5.14 14.23 25.25
N VAL A 134 -5.75 14.18 24.07
CA VAL A 134 -6.15 12.92 23.45
C VAL A 134 -4.98 12.03 23.07
N LEU A 135 -3.97 12.61 22.43
CA LEU A 135 -2.80 11.86 21.99
C LEU A 135 -1.82 11.58 23.13
N LYS A 136 -1.97 12.32 24.22
CA LYS A 136 -1.10 12.13 25.39
C LYS A 136 -1.50 10.81 26.05
N THR A 137 -2.80 10.57 26.09
CA THR A 137 -3.35 9.35 26.70
C THR A 137 -2.96 8.11 25.91
N SER A 138 -3.11 8.17 24.58
CA SER A 138 -2.77 7.04 23.73
C SER A 138 -1.28 6.73 23.82
N GLY A 139 -0.50 7.71 24.24
CA GLY A 139 0.93 7.52 24.39
C GLY A 139 1.74 7.93 23.17
N HIS A 140 1.21 8.84 22.37
CA HIS A 140 1.92 9.29 21.17
C HIS A 140 2.85 10.46 21.46
N VAL A 141 2.46 11.30 22.41
CA VAL A 141 3.26 12.45 22.78
C VAL A 141 4.60 12.00 23.35
N ASP A 142 4.65 10.74 23.80
CA ASP A 142 5.85 10.18 24.39
C ASP A 142 6.65 9.20 23.56
N LYS A 143 5.96 8.24 22.91
CA LYS A 143 6.66 7.23 22.13
C LYS A 143 6.59 7.31 20.60
N PHE A 144 5.72 8.17 20.07
CA PHE A 144 5.62 8.27 18.61
C PHE A 144 6.75 9.11 18.04
N ALA A 145 7.95 8.53 17.99
CA ALA A 145 9.11 9.24 17.47
C ALA A 145 10.15 8.33 16.85
N ASP A 146 11.13 8.95 16.19
CA ASP A 146 12.23 8.25 15.55
C ASP A 146 13.52 8.87 16.07
N PHE A 147 14.60 8.08 16.05
CA PHE A 147 15.88 8.59 16.52
C PHE A 147 16.53 9.41 15.42
N MET A 148 16.91 10.63 15.75
CA MET A 148 17.52 11.55 14.80
C MET A 148 18.92 12.03 15.20
N VAL A 149 19.79 12.14 14.20
CA VAL A 149 21.15 12.60 14.39
C VAL A 149 21.43 13.74 13.41
N LYS A 150 22.37 14.60 13.75
CA LYS A 150 22.72 15.73 12.91
C LYS A 150 24.18 16.11 13.07
N ASP A 151 24.85 16.40 11.95
CA ASP A 151 26.26 16.77 11.99
C ASP A 151 26.47 18.09 12.72
N VAL A 152 27.37 18.05 13.71
CA VAL A 152 27.68 19.21 14.53
C VAL A 152 28.05 20.47 13.74
N LYS A 153 28.37 20.30 12.46
CA LYS A 153 28.72 21.44 11.62
C LYS A 153 27.49 22.31 11.37
N ASN A 154 26.73 21.99 10.33
CA ASN A 154 25.52 22.75 10.04
C ASN A 154 24.36 22.07 10.74
N GLY A 155 23.14 22.37 10.33
CA GLY A 155 22.02 21.74 11.01
C GLY A 155 21.21 20.85 10.12
N GLU A 156 21.79 19.79 9.57
CA GLU A 156 21.12 18.82 8.72
C GLU A 156 20.71 17.66 9.62
N CYS A 157 19.47 17.20 9.50
CA CYS A 157 18.98 16.10 10.33
C CYS A 157 18.86 14.80 9.54
N PHE A 158 18.99 13.67 10.24
CA PHE A 158 18.90 12.35 9.61
C PHE A 158 18.26 11.38 10.59
N ARG A 159 17.52 10.40 10.06
CA ARG A 159 16.90 9.40 10.92
C ARG A 159 17.98 8.37 11.23
N ALA A 160 18.50 8.44 12.46
CA ALA A 160 19.56 7.52 12.91
C ALA A 160 19.28 6.08 12.48
N ASP A 161 18.05 5.65 12.69
CA ASP A 161 17.61 4.31 12.34
C ASP A 161 18.07 3.90 10.94
N HIS A 162 17.86 4.79 9.97
CA HIS A 162 18.22 4.52 8.58
C HIS A 162 19.66 4.83 8.18
N LEU A 163 20.24 5.87 8.77
CA LEU A 163 21.62 6.23 8.44
C LEU A 163 22.58 5.10 8.79
N LEU A 164 22.33 4.46 9.91
CA LEU A 164 23.17 3.35 10.38
C LEU A 164 23.04 2.18 9.41
N LYS A 165 21.86 2.05 8.80
CA LYS A 165 21.60 0.99 7.84
C LYS A 165 22.24 1.30 6.50
N ALA A 166 22.28 2.58 6.16
CA ALA A 166 22.89 3.02 4.90
C ALA A 166 24.39 2.83 4.96
N HIS A 167 24.99 3.12 6.11
CA HIS A 167 26.42 2.98 6.30
C HIS A 167 26.84 1.52 6.22
N LEU A 168 26.20 0.68 7.04
CA LEU A 168 26.51 -0.75 7.08
C LEU A 168 26.42 -1.39 5.70
N GLN A 169 25.47 -0.95 4.88
CA GLN A 169 25.32 -1.49 3.54
C GLN A 169 26.49 -1.06 2.67
N LYS A 170 27.04 0.10 2.98
CA LYS A 170 28.17 0.64 2.24
C LYS A 170 29.41 -0.22 2.46
N LEU A 171 29.62 -0.62 3.71
CA LEU A 171 30.76 -1.45 4.08
C LEU A 171 30.66 -2.86 3.50
N MET A 172 29.48 -3.46 3.60
CA MET A 172 29.26 -4.80 3.08
C MET A 172 29.52 -4.86 1.58
N SER A 173 29.47 -3.70 0.93
CA SER A 173 29.68 -3.63 -0.51
C SER A 173 31.16 -3.52 -0.87
N ASP A 174 31.92 -2.79 -0.07
CA ASP A 174 33.36 -2.62 -0.31
C ASP A 174 34.02 -3.99 -0.43
N LYS A 175 34.73 -4.20 -1.53
CA LYS A 175 35.39 -5.47 -1.78
C LYS A 175 36.45 -5.84 -0.74
N LYS A 176 36.95 -4.86 -0.01
CA LYS A 176 37.95 -5.09 1.01
C LYS A 176 37.34 -5.61 2.31
N CYS A 177 36.03 -5.84 2.30
CA CYS A 177 35.34 -6.32 3.49
C CYS A 177 35.49 -7.83 3.65
N SER A 178 35.81 -8.26 4.87
CA SER A 178 35.98 -9.67 5.17
C SER A 178 34.64 -10.37 5.26
N VAL A 179 34.63 -11.67 5.00
CA VAL A 179 33.41 -12.45 5.05
C VAL A 179 32.86 -12.48 6.48
N GLU A 180 33.77 -12.54 7.44
CA GLU A 180 33.38 -12.58 8.85
C GLU A 180 32.71 -11.31 9.34
N LYS A 181 33.11 -10.16 8.80
CA LYS A 181 32.52 -8.90 9.22
C LYS A 181 31.20 -8.68 8.48
N LYS A 182 31.17 -9.08 7.22
CA LYS A 182 29.96 -8.94 6.41
C LYS A 182 28.81 -9.58 7.17
N SER A 183 29.07 -10.75 7.75
CA SER A 183 28.07 -11.48 8.53
C SER A 183 27.67 -10.65 9.75
N GLU A 184 28.65 -10.34 10.59
CA GLU A 184 28.43 -9.55 11.80
C GLU A 184 27.48 -8.39 11.52
N MET A 185 27.67 -7.74 10.37
CA MET A 185 26.83 -6.61 10.00
C MET A 185 25.43 -7.05 9.58
N GLU A 186 25.35 -8.09 8.75
CA GLU A 186 24.06 -8.59 8.31
C GLU A 186 23.21 -8.90 9.54
N SER A 187 23.87 -9.33 10.60
CA SER A 187 23.20 -9.66 11.84
C SER A 187 22.71 -8.39 12.53
N VAL A 188 23.49 -7.32 12.40
CA VAL A 188 23.15 -6.04 13.00
C VAL A 188 21.94 -5.40 12.31
N LEU A 189 21.92 -5.47 10.99
CA LEU A 189 20.82 -4.90 10.22
C LEU A 189 19.51 -5.66 10.42
N ALA A 190 19.62 -6.97 10.60
CA ALA A 190 18.45 -7.82 10.81
C ALA A 190 17.97 -7.75 12.26
N GLN A 191 18.25 -6.63 12.92
CA GLN A 191 17.86 -6.44 14.31
C GLN A 191 17.89 -4.94 14.61
N LEU A 192 17.79 -4.15 13.55
CA LEU A 192 17.83 -2.69 13.65
C LEU A 192 16.65 -2.07 14.40
N ASP A 193 15.45 -2.58 14.16
CA ASP A 193 14.26 -2.05 14.82
C ASP A 193 14.11 -2.47 16.27
N ASN A 194 15.19 -3.00 16.85
CA ASN A 194 15.19 -3.44 18.23
C ASN A 194 16.11 -2.57 19.09
N TYR A 195 17.16 -2.07 18.45
CA TYR A 195 18.15 -1.23 19.12
C TYR A 195 17.55 0.06 19.66
N GLY A 196 17.42 0.12 20.98
CA GLY A 196 16.85 1.29 21.63
C GLY A 196 17.89 2.36 21.92
N GLN A 197 17.40 3.59 22.10
CA GLN A 197 18.23 4.77 22.38
C GLN A 197 19.72 4.51 22.54
N GLN A 198 20.11 3.88 23.65
CA GLN A 198 21.50 3.59 23.94
C GLN A 198 22.17 2.74 22.86
N GLU A 199 21.65 1.53 22.65
CA GLU A 199 22.20 0.61 21.66
C GLU A 199 22.59 1.29 20.34
N LEU A 200 21.76 2.22 19.88
CA LEU A 200 22.03 2.94 18.64
C LEU A 200 23.24 3.88 18.79
N ALA A 201 23.31 4.55 19.93
CA ALA A 201 24.40 5.48 20.20
C ALA A 201 25.75 4.76 20.07
N ASP A 202 25.81 3.56 20.61
CA ASP A 202 27.04 2.76 20.56
C ASP A 202 27.42 2.41 19.13
N LEU A 203 26.49 1.80 18.40
CA LEU A 203 26.74 1.41 17.01
C LEU A 203 27.19 2.62 16.20
N PHE A 204 26.67 3.79 16.55
CA PHE A 204 27.02 5.02 15.86
C PHE A 204 28.44 5.45 16.22
N VAL A 205 29.02 4.74 17.18
CA VAL A 205 30.39 5.03 17.63
C VAL A 205 31.31 3.93 17.11
N ASN A 206 30.91 2.68 17.33
CA ASN A 206 31.69 1.53 16.89
C ASN A 206 31.99 1.61 15.40
N TYR A 207 30.98 1.96 14.61
CA TYR A 207 31.17 2.06 13.17
C TYR A 207 31.54 3.48 12.77
N ASN A 208 31.62 4.37 13.75
CA ASN A 208 31.99 5.76 13.51
C ASN A 208 31.21 6.33 12.32
N VAL A 209 29.90 6.30 12.41
CA VAL A 209 29.05 6.82 11.33
C VAL A 209 29.21 8.33 11.25
N LYS A 210 29.21 8.86 10.03
CA LYS A 210 29.36 10.29 9.83
C LYS A 210 28.45 10.74 8.69
N SER A 211 28.13 12.03 8.68
CA SER A 211 27.25 12.62 7.67
C SER A 211 27.45 12.06 6.26
N PRO A 212 26.36 11.62 5.61
CA PRO A 212 26.43 11.07 4.26
C PRO A 212 26.89 12.12 3.26
N ILE A 213 26.83 13.37 3.68
CA ILE A 213 27.26 14.49 2.84
C ILE A 213 28.41 15.20 3.56
N THR A 214 29.46 15.54 2.82
CA THR A 214 30.64 16.19 3.38
C THR A 214 30.97 15.62 4.75
N GLY A 215 30.89 14.29 4.84
CA GLY A 215 31.16 13.55 6.07
C GLY A 215 31.64 14.29 7.31
N ASN A 216 30.72 14.91 8.04
CA ASN A 216 31.07 15.62 9.26
C ASN A 216 30.75 14.69 10.43
N ASP A 217 30.76 15.22 11.64
CA ASP A 217 30.45 14.41 12.83
C ASP A 217 29.01 14.56 13.29
N LEU A 218 28.34 13.42 13.44
CA LEU A 218 26.95 13.39 13.88
C LEU A 218 26.79 13.40 15.39
N SER A 219 25.87 14.22 15.88
CA SER A 219 25.61 14.29 17.31
C SER A 219 24.98 12.97 17.72
N PRO A 220 24.94 12.67 19.02
CA PRO A 220 24.34 11.40 19.46
C PRO A 220 22.86 11.29 19.09
N PRO A 221 22.38 10.06 18.84
CA PRO A 221 20.99 9.82 18.46
C PRO A 221 19.98 10.19 19.55
N VAL A 222 19.05 11.07 19.21
CA VAL A 222 18.02 11.53 20.14
C VAL A 222 16.63 11.34 19.53
N SER A 223 15.63 11.07 20.36
CA SER A 223 14.27 10.89 19.89
C SER A 223 13.70 12.17 19.32
N PHE A 224 12.89 12.03 18.27
CA PHE A 224 12.25 13.17 17.63
C PHE A 224 10.79 12.85 17.34
N ASN A 225 9.89 13.46 18.10
CA ASN A 225 8.46 13.23 17.92
C ASN A 225 8.03 13.59 16.51
N LEU A 226 7.43 12.63 15.82
CA LEU A 226 6.99 12.80 14.44
C LEU A 226 5.66 13.54 14.23
N MET A 227 4.91 13.77 15.31
CA MET A 227 3.63 14.44 15.18
C MET A 227 3.71 15.94 14.90
N PHE A 228 2.89 16.40 13.96
CA PHE A 228 2.84 17.81 13.60
C PHE A 228 2.21 18.56 14.77
N LYS A 229 2.54 19.84 14.92
CA LYS A 229 2.02 20.62 16.02
C LYS A 229 1.35 21.92 15.56
N THR A 230 0.22 22.25 16.18
CA THR A 230 -0.52 23.48 15.85
C THR A 230 -1.25 23.99 17.09
N PHE A 231 -2.18 24.90 16.88
CA PHE A 231 -2.98 25.48 17.95
C PHE A 231 -4.41 25.63 17.47
N ILE A 232 -5.34 25.00 18.18
CA ILE A 232 -6.76 25.07 17.83
C ILE A 232 -7.42 26.26 18.50
N GLY A 233 -7.92 27.19 17.68
CA GLY A 233 -8.58 28.37 18.21
C GLY A 233 -7.60 29.48 18.55
N PRO A 234 -8.08 30.72 18.70
CA PRO A 234 -7.18 31.84 19.03
C PRO A 234 -6.54 31.62 20.40
N GLY A 235 -5.28 32.03 20.53
CA GLY A 235 -4.58 31.85 21.79
C GLY A 235 -3.82 30.54 21.74
N GLY A 236 -3.20 30.16 22.85
CA GLY A 236 -2.44 28.92 22.88
C GLY A 236 -2.82 28.02 24.04
N ASN A 237 -4.06 28.15 24.51
CA ASN A 237 -4.54 27.34 25.62
C ASN A 237 -4.95 25.93 25.19
N MET A 238 -5.08 25.72 23.89
CA MET A 238 -5.46 24.40 23.38
C MET A 238 -4.53 23.91 22.26
N PRO A 239 -3.30 23.52 22.63
CA PRO A 239 -2.35 23.04 21.63
C PRO A 239 -2.77 21.67 21.09
N GLY A 240 -2.54 21.44 19.80
CA GLY A 240 -2.93 20.16 19.21
C GLY A 240 -1.99 19.64 18.13
N TYR A 241 -2.25 18.42 17.69
CA TYR A 241 -1.44 17.77 16.66
C TYR A 241 -2.33 17.27 15.52
N LEU A 242 -1.70 16.89 14.42
CA LEU A 242 -2.41 16.34 13.28
C LEU A 242 -2.27 14.82 13.46
N ARG A 243 -3.39 14.14 13.64
CA ARG A 243 -3.41 12.70 13.86
C ARG A 243 -2.40 11.91 13.03
N PRO A 244 -1.51 11.16 13.71
CA PRO A 244 -0.49 10.36 13.04
C PRO A 244 -1.10 9.06 12.51
N GLU A 245 -2.26 8.71 13.05
CA GLU A 245 -2.99 7.52 12.65
C GLU A 245 -4.48 7.82 12.77
N THR A 246 -5.33 6.89 12.33
CA THR A 246 -6.78 7.10 12.40
C THR A 246 -7.42 6.30 13.52
N ALA A 247 -6.85 5.13 13.80
CA ALA A 247 -7.36 4.23 14.85
C ALA A 247 -7.90 4.93 16.10
N GLN A 248 -7.14 5.89 16.62
CA GLN A 248 -7.56 6.60 17.83
C GLN A 248 -8.99 7.11 17.77
N GLY A 249 -9.41 7.56 16.59
CA GLY A 249 -10.76 8.06 16.44
C GLY A 249 -11.81 7.01 16.70
N ILE A 250 -11.53 5.78 16.25
CA ILE A 250 -12.46 4.68 16.44
C ILE A 250 -12.58 4.28 17.90
N PHE A 251 -11.48 4.38 18.64
CA PHE A 251 -11.49 4.03 20.05
C PHE A 251 -12.30 5.03 20.85
N LEU A 252 -12.13 6.32 20.55
CA LEU A 252 -12.86 7.37 21.25
C LEU A 252 -14.36 7.30 20.99
N ASN A 253 -14.76 6.49 20.01
CA ASN A 253 -16.17 6.33 19.67
C ASN A 253 -16.61 4.89 19.88
N PHE A 254 -15.85 4.14 20.68
CA PHE A 254 -16.17 2.74 20.94
C PHE A 254 -17.59 2.55 21.47
N LYS A 255 -18.01 3.44 22.37
CA LYS A 255 -19.35 3.35 22.95
C LYS A 255 -20.44 3.25 21.88
N ARG A 256 -20.71 4.37 21.20
CA ARG A 256 -21.75 4.41 20.18
C ARG A 256 -21.55 3.32 19.12
N LEU A 257 -20.29 3.01 18.80
CA LEU A 257 -20.02 1.98 17.79
C LEU A 257 -20.46 0.59 18.25
N LEU A 258 -20.11 0.22 19.47
CA LEU A 258 -20.47 -1.08 20.02
C LEU A 258 -21.99 -1.21 20.05
N GLU A 259 -22.66 -0.09 20.26
CA GLU A 259 -24.11 -0.05 20.33
C GLU A 259 -24.76 -0.52 19.03
N PHE A 260 -24.10 -0.23 17.90
CA PHE A 260 -24.60 -0.62 16.59
C PHE A 260 -24.75 -2.13 16.43
N ASN A 261 -23.82 -2.87 17.01
CA ASN A 261 -23.83 -4.32 16.90
C ASN A 261 -24.61 -4.99 18.03
N GLN A 262 -25.60 -4.29 18.57
CA GLN A 262 -26.42 -4.81 19.66
C GLN A 262 -25.62 -4.93 20.95
N GLY A 263 -24.33 -4.64 20.87
CA GLY A 263 -23.48 -4.73 22.06
C GLY A 263 -22.64 -5.99 22.09
N LYS A 264 -22.76 -6.82 21.06
CA LYS A 264 -21.99 -8.06 21.00
C LYS A 264 -20.71 -7.91 20.21
N LEU A 265 -19.80 -8.86 20.42
CA LEU A 265 -18.52 -8.89 19.72
C LEU A 265 -18.49 -10.21 18.96
N PRO A 266 -17.70 -10.27 17.88
CA PRO A 266 -16.86 -9.20 17.35
C PRO A 266 -17.58 -8.26 16.39
N PHE A 267 -16.98 -7.09 16.17
CA PHE A 267 -17.51 -6.09 15.26
C PHE A 267 -16.32 -5.23 14.86
N ALA A 268 -16.28 -4.82 13.59
CA ALA A 268 -15.16 -4.02 13.11
C ALA A 268 -15.55 -2.63 12.62
N ALA A 269 -14.76 -1.64 13.02
CA ALA A 269 -14.98 -0.27 12.61
C ALA A 269 -13.79 0.09 11.72
N ALA A 270 -14.02 0.94 10.73
CA ALA A 270 -12.95 1.33 9.82
C ALA A 270 -12.96 2.82 9.50
N GLN A 271 -11.86 3.27 8.90
CA GLN A 271 -11.72 4.67 8.51
C GLN A 271 -10.76 4.79 7.34
N ILE A 272 -11.12 5.62 6.38
CA ILE A 272 -10.27 5.86 5.21
C ILE A 272 -10.04 7.36 5.13
N GLY A 273 -8.96 7.82 5.77
CA GLY A 273 -8.66 9.24 5.75
C GLY A 273 -7.17 9.55 5.76
N ASN A 274 -6.85 10.83 5.88
CA ASN A 274 -5.46 11.29 5.88
C ASN A 274 -4.81 11.33 7.25
N SER A 275 -3.54 10.95 7.30
CA SER A 275 -2.76 10.97 8.53
C SER A 275 -1.50 11.76 8.25
N PHE A 276 -0.95 12.41 9.27
CA PHE A 276 0.25 13.21 9.09
C PHE A 276 1.40 12.71 9.97
N ARG A 277 2.58 12.61 9.36
CA ARG A 277 3.77 12.15 10.07
C ARG A 277 4.93 13.01 9.61
N ASN A 278 5.30 14.00 10.44
CA ASN A 278 6.40 14.89 10.10
C ASN A 278 7.71 14.10 10.04
N GLU A 279 7.84 13.29 8.99
CA GLU A 279 9.01 12.47 8.78
C GLU A 279 10.28 13.31 8.86
N ILE A 280 11.33 12.74 9.44
CA ILE A 280 12.60 13.44 9.59
C ILE A 280 13.25 13.78 8.26
N SER A 281 13.75 12.76 7.57
CA SER A 281 14.41 12.97 6.28
C SER A 281 13.83 12.07 5.19
N PRO A 282 12.70 12.49 4.61
CA PRO A 282 12.05 11.72 3.54
C PRO A 282 12.86 11.69 2.25
N ARG A 283 13.28 10.49 1.85
CA ARG A 283 14.07 10.31 0.64
C ARG A 283 13.74 8.97 -0.01
N SER A 284 12.48 8.55 0.09
CA SER A 284 12.06 7.27 -0.48
C SER A 284 10.91 7.39 -1.47
N GLY A 285 10.84 8.51 -2.18
CA GLY A 285 9.76 8.71 -3.13
C GLY A 285 8.43 8.72 -2.40
N LEU A 286 7.46 7.97 -2.91
CA LEU A 286 6.14 7.90 -2.29
C LEU A 286 6.14 6.98 -1.07
N ILE A 287 7.27 6.36 -0.77
CA ILE A 287 7.38 5.47 0.37
C ILE A 287 7.45 6.24 1.67
N ARG A 288 8.16 7.36 1.66
CA ARG A 288 8.32 8.20 2.84
C ARG A 288 7.64 9.56 2.69
N VAL A 289 6.36 9.63 3.02
CA VAL A 289 5.64 10.90 2.91
C VAL A 289 5.18 11.39 4.28
N ARG A 290 5.03 12.71 4.40
CA ARG A 290 4.59 13.33 5.64
C ARG A 290 3.08 13.51 5.64
N GLU A 291 2.46 13.10 4.55
CA GLU A 291 1.02 13.23 4.40
C GLU A 291 0.53 12.12 3.47
N PHE A 292 -0.26 11.21 4.00
CA PHE A 292 -0.78 10.10 3.19
C PHE A 292 -2.16 9.63 3.59
N THR A 293 -2.81 8.94 2.66
CA THR A 293 -4.14 8.39 2.88
C THR A 293 -4.01 6.94 3.32
N MET A 294 -4.61 6.61 4.46
CA MET A 294 -4.56 5.24 4.94
C MET A 294 -5.94 4.73 5.34
N ALA A 295 -6.16 3.44 5.11
CA ALA A 295 -7.42 2.79 5.44
C ALA A 295 -7.14 1.83 6.59
N GLU A 296 -7.57 2.21 7.79
CA GLU A 296 -7.36 1.37 8.96
C GLU A 296 -8.63 0.67 9.43
N ILE A 297 -8.48 -0.58 9.82
CA ILE A 297 -9.60 -1.37 10.31
C ILE A 297 -9.32 -1.72 11.77
N GLU A 298 -10.33 -1.55 12.63
CA GLU A 298 -10.19 -1.88 14.04
C GLU A 298 -11.21 -2.96 14.37
N HIS A 299 -10.77 -4.21 14.27
CA HIS A 299 -11.62 -5.37 14.53
C HIS A 299 -11.62 -5.79 16.00
N PHE A 300 -12.64 -5.35 16.73
CA PHE A 300 -12.77 -5.67 18.15
C PHE A 300 -13.30 -7.08 18.34
N VAL A 301 -12.57 -7.89 19.10
CA VAL A 301 -12.98 -9.27 19.35
C VAL A 301 -12.79 -9.64 20.81
N ASP A 302 -13.51 -10.66 21.26
CA ASP A 302 -13.42 -11.13 22.62
C ASP A 302 -12.09 -11.86 22.77
N PRO A 303 -11.22 -11.39 23.69
CA PRO A 303 -9.90 -11.98 23.93
C PRO A 303 -9.90 -13.50 24.06
N SER A 304 -11.01 -14.06 24.53
CA SER A 304 -11.10 -15.51 24.71
C SER A 304 -11.74 -16.21 23.51
N GLU A 305 -12.29 -15.43 22.58
CA GLU A 305 -12.93 -16.00 21.40
C GLU A 305 -12.19 -15.63 20.11
N LYS A 306 -10.87 -15.50 20.19
CA LYS A 306 -10.05 -15.16 19.03
C LYS A 306 -10.09 -16.22 17.93
N ASP A 307 -11.26 -16.41 17.34
CA ASP A 307 -11.43 -17.39 16.27
C ASP A 307 -12.37 -16.84 15.21
N HIS A 308 -11.83 -16.57 14.02
CA HIS A 308 -12.64 -16.03 12.93
C HIS A 308 -13.35 -17.09 12.10
N PRO A 309 -14.69 -17.02 12.03
CA PRO A 309 -15.58 -17.93 11.29
C PRO A 309 -15.37 -18.05 9.79
N LYS A 310 -14.38 -17.34 9.24
CA LYS A 310 -14.14 -17.40 7.80
C LYS A 310 -12.73 -17.87 7.46
N PHE A 311 -11.89 -18.03 8.48
CA PHE A 311 -10.50 -18.45 8.28
C PHE A 311 -10.30 -19.52 7.22
N GLN A 312 -11.29 -20.40 7.06
CA GLN A 312 -11.18 -21.48 6.07
C GLN A 312 -11.19 -20.96 4.64
N ASN A 313 -11.86 -19.82 4.43
CA ASN A 313 -11.92 -19.22 3.10
C ASN A 313 -10.56 -18.77 2.62
N VAL A 314 -9.60 -18.67 3.54
CA VAL A 314 -8.25 -18.24 3.20
C VAL A 314 -7.19 -19.13 3.85
N ALA A 315 -7.54 -20.39 4.09
CA ALA A 315 -6.61 -21.32 4.73
C ALA A 315 -5.64 -21.98 3.76
N ASP A 316 -6.12 -22.30 2.55
CA ASP A 316 -5.29 -22.95 1.55
C ASP A 316 -4.33 -22.02 0.82
N LEU A 317 -4.26 -20.76 1.24
CA LEU A 317 -3.37 -19.81 0.62
C LEU A 317 -1.92 -20.08 1.02
N HIS A 318 -1.03 -20.06 0.05
CA HIS A 318 0.39 -20.28 0.30
C HIS A 318 1.13 -18.96 0.19
N LEU A 319 1.67 -18.49 1.31
CA LEU A 319 2.40 -17.23 1.33
C LEU A 319 3.62 -17.26 2.24
N TYR A 320 4.67 -16.55 1.82
CA TYR A 320 5.92 -16.49 2.57
C TYR A 320 5.78 -15.84 3.93
N LEU A 321 5.98 -16.63 4.99
CA LEU A 321 5.91 -16.13 6.35
C LEU A 321 7.34 -16.02 6.88
N TYR A 322 7.61 -14.95 7.63
CA TYR A 322 8.94 -14.71 8.17
C TYR A 322 8.86 -14.47 9.68
N SER A 323 8.63 -15.56 10.42
CA SER A 323 8.51 -15.51 11.87
C SER A 323 9.57 -14.65 12.55
N ALA A 324 9.33 -14.32 13.82
CA ALA A 324 10.27 -13.53 14.60
C ALA A 324 11.47 -14.41 14.91
N LYS A 325 11.22 -15.71 15.05
CA LYS A 325 12.28 -16.67 15.34
C LYS A 325 13.28 -16.67 14.19
N ALA A 326 12.79 -17.00 13.00
CA ALA A 326 13.63 -17.04 11.81
C ALA A 326 14.46 -15.78 11.65
N GLN A 327 14.00 -14.69 12.26
CA GLN A 327 14.72 -13.42 12.19
C GLN A 327 15.87 -13.37 13.18
N VAL A 328 15.72 -14.07 14.30
CA VAL A 328 16.75 -14.12 15.32
C VAL A 328 17.59 -15.38 15.16
N SER A 329 16.95 -16.45 14.68
CA SER A 329 17.62 -17.72 14.47
C SER A 329 18.36 -17.71 13.13
N GLY A 330 18.58 -16.50 12.61
CA GLY A 330 19.30 -16.32 11.36
C GLY A 330 18.89 -17.07 10.10
N GLN A 331 17.76 -17.76 10.11
CA GLN A 331 17.34 -18.47 8.90
C GLN A 331 16.39 -17.66 8.02
N SER A 332 16.02 -18.23 6.87
CA SER A 332 15.14 -17.55 5.93
C SER A 332 13.65 -17.79 6.13
N ALA A 333 12.84 -17.04 5.38
CA ALA A 333 11.39 -17.13 5.44
C ALA A 333 10.91 -18.36 4.68
N ARG A 334 9.89 -19.01 5.23
CA ARG A 334 9.34 -20.22 4.61
C ARG A 334 7.98 -19.93 3.98
N LYS A 335 7.72 -20.54 2.83
CA LYS A 335 6.45 -20.35 2.15
C LYS A 335 5.49 -21.41 2.68
N MET A 336 4.75 -21.07 3.72
CA MET A 336 3.80 -22.00 4.34
C MET A 336 2.38 -21.86 3.82
N ARG A 337 1.47 -22.54 4.51
CA ARG A 337 0.05 -22.53 4.21
C ARG A 337 -0.60 -21.97 5.48
N LEU A 338 -1.46 -20.96 5.34
CA LEU A 338 -2.10 -20.36 6.51
C LEU A 338 -2.69 -21.37 7.48
N GLY A 339 -3.40 -22.36 6.96
CA GLY A 339 -3.98 -23.37 7.83
C GLY A 339 -2.93 -24.05 8.67
N ASP A 340 -1.85 -24.47 8.01
CA ASP A 340 -0.74 -25.14 8.67
C ASP A 340 0.00 -24.15 9.58
N ALA A 341 -0.04 -22.87 9.19
CA ALA A 341 0.62 -21.82 9.95
C ALA A 341 0.07 -21.68 11.36
N VAL A 342 -1.25 -21.66 11.49
CA VAL A 342 -1.89 -21.53 12.80
C VAL A 342 -1.61 -22.75 13.67
N GLU A 343 -1.51 -23.92 13.03
CA GLU A 343 -1.25 -25.16 13.74
C GLU A 343 0.01 -25.07 14.58
N GLN A 344 1.15 -25.03 13.90
CA GLN A 344 2.45 -24.95 14.56
C GLN A 344 2.57 -23.78 15.53
N GLY A 345 1.58 -22.89 15.52
CA GLY A 345 1.60 -21.76 16.41
C GLY A 345 2.31 -20.53 15.90
N VAL A 346 2.73 -20.57 14.62
CA VAL A 346 3.43 -19.43 14.03
C VAL A 346 2.55 -18.20 14.15
N ILE A 347 1.33 -18.30 13.63
CA ILE A 347 0.37 -17.22 13.70
C ILE A 347 -0.58 -17.52 14.86
N ASN A 348 -0.41 -16.78 15.95
CA ASN A 348 -1.21 -16.95 17.16
C ASN A 348 -2.59 -17.59 16.95
N ASN A 349 -3.59 -16.77 16.68
CA ASN A 349 -4.96 -17.27 16.47
C ASN A 349 -5.38 -17.29 15.00
N THR A 350 -6.67 -17.44 14.75
CA THR A 350 -7.19 -17.48 13.38
C THR A 350 -7.79 -16.16 12.93
N VAL A 351 -8.06 -15.26 13.87
CA VAL A 351 -8.61 -13.96 13.52
C VAL A 351 -7.49 -13.24 12.81
N LEU A 352 -6.34 -13.17 13.46
CA LEU A 352 -5.16 -12.54 12.90
C LEU A 352 -4.84 -13.24 11.59
N GLY A 353 -5.05 -14.55 11.58
CA GLY A 353 -4.77 -15.33 10.38
C GLY A 353 -5.69 -14.97 9.23
N TYR A 354 -6.98 -14.81 9.52
CA TYR A 354 -7.95 -14.48 8.48
C TYR A 354 -7.57 -13.19 7.77
N PHE A 355 -7.38 -12.12 8.54
CA PHE A 355 -7.02 -10.84 7.93
C PHE A 355 -5.69 -10.93 7.18
N ILE A 356 -4.78 -11.75 7.67
CA ILE A 356 -3.49 -11.91 6.99
C ILE A 356 -3.72 -12.48 5.60
N GLY A 357 -4.68 -13.40 5.48
CA GLY A 357 -4.99 -14.00 4.20
C GLY A 357 -5.69 -13.01 3.29
N ARG A 358 -6.67 -12.31 3.84
CA ARG A 358 -7.42 -11.31 3.08
C ARG A 358 -6.49 -10.22 2.58
N ILE A 359 -5.53 -9.82 3.42
CA ILE A 359 -4.57 -8.81 3.05
C ILE A 359 -3.75 -9.30 1.86
N TYR A 360 -3.41 -10.59 1.89
CA TYR A 360 -2.64 -11.18 0.81
C TYR A 360 -3.45 -11.11 -0.48
N LEU A 361 -4.72 -11.47 -0.39
CA LEU A 361 -5.61 -11.45 -1.54
C LEU A 361 -5.75 -10.05 -2.13
N TYR A 362 -6.00 -9.06 -1.27
CA TYR A 362 -6.16 -7.69 -1.72
C TYR A 362 -4.94 -7.20 -2.48
N LEU A 363 -3.80 -7.15 -1.81
CA LEU A 363 -2.55 -6.71 -2.42
C LEU A 363 -2.33 -7.37 -3.78
N THR A 364 -2.54 -8.68 -3.83
CA THR A 364 -2.37 -9.44 -5.06
C THR A 364 -3.32 -8.93 -6.14
N LYS A 365 -4.61 -8.88 -5.81
CA LYS A 365 -5.63 -8.43 -6.73
C LYS A 365 -5.39 -7.02 -7.27
N VAL A 366 -4.65 -6.22 -6.53
CA VAL A 366 -4.38 -4.85 -6.94
C VAL A 366 -3.11 -4.67 -7.78
N GLY A 367 -2.26 -5.69 -7.83
CA GLY A 367 -1.06 -5.60 -8.64
C GLY A 367 0.25 -5.99 -8.01
N ILE A 368 0.22 -6.42 -6.75
CA ILE A 368 1.45 -6.82 -6.06
C ILE A 368 1.84 -8.24 -6.51
N SER A 369 3.14 -8.47 -6.68
CA SER A 369 3.64 -9.78 -7.10
C SER A 369 3.93 -10.70 -5.93
N PRO A 370 3.31 -11.90 -5.93
CA PRO A 370 3.49 -12.90 -4.86
C PRO A 370 4.95 -13.20 -4.57
N ASP A 371 5.74 -13.35 -5.63
CA ASP A 371 7.16 -13.65 -5.50
C ASP A 371 7.94 -12.50 -4.86
N LYS A 372 7.23 -11.44 -4.47
CA LYS A 372 7.85 -10.28 -3.85
C LYS A 372 7.00 -9.77 -2.68
N LEU A 373 6.19 -10.66 -2.12
CA LEU A 373 5.32 -10.32 -1.00
C LEU A 373 5.48 -11.33 0.13
N ARG A 374 5.81 -10.82 1.32
CA ARG A 374 5.99 -11.69 2.49
C ARG A 374 5.36 -11.03 3.72
N PHE A 375 5.18 -11.82 4.77
CA PHE A 375 4.63 -11.31 6.02
C PHE A 375 5.62 -11.50 7.15
N ARG A 376 6.32 -10.43 7.51
CA ARG A 376 7.31 -10.48 8.57
C ARG A 376 6.74 -10.13 9.93
N GLN A 377 6.97 -10.99 10.91
CA GLN A 377 6.49 -10.77 12.27
C GLN A 377 7.47 -9.82 12.97
N HIS A 378 7.02 -9.20 14.06
CA HIS A 378 7.87 -8.27 14.79
C HIS A 378 8.80 -8.97 15.78
N MET A 379 9.76 -8.21 16.28
CA MET A 379 10.74 -8.72 17.25
C MET A 379 10.22 -8.42 18.65
N GLU A 380 10.79 -9.10 19.64
CA GLU A 380 10.36 -8.91 21.03
C GLU A 380 10.17 -7.46 21.44
N ASN A 381 11.20 -6.63 21.26
CA ASN A 381 11.08 -5.23 21.64
C ASN A 381 10.94 -4.29 20.44
N GLU A 382 10.42 -4.83 19.34
CA GLU A 382 10.20 -4.02 18.15
C GLU A 382 8.77 -3.51 18.23
N MET A 383 7.97 -4.21 19.01
CA MET A 383 6.55 -3.89 19.22
C MET A 383 6.30 -2.40 19.43
N ALA A 384 5.24 -1.90 18.78
CA ALA A 384 4.87 -0.50 18.90
C ALA A 384 4.55 -0.21 20.36
N HIS A 385 4.35 1.06 20.68
CA HIS A 385 4.04 1.47 22.05
C HIS A 385 2.60 1.08 22.43
N TYR A 386 1.90 0.43 21.51
CA TYR A 386 0.52 0.04 21.76
C TYR A 386 0.21 -1.43 21.44
N ALA A 387 1.20 -2.17 20.95
CA ALA A 387 0.97 -3.57 20.59
C ALA A 387 1.73 -4.61 21.42
N CYS A 388 1.32 -5.87 21.26
CA CYS A 388 1.92 -7.00 21.95
C CYS A 388 2.39 -8.04 20.92
N ASP A 389 1.69 -8.10 19.81
CA ASP A 389 2.01 -9.03 18.71
C ASP A 389 1.61 -8.37 17.40
N CYS A 390 2.35 -8.66 16.33
CA CYS A 390 2.06 -8.07 15.03
C CYS A 390 2.72 -8.76 13.85
N TRP A 391 2.13 -8.56 12.68
CA TRP A 391 2.63 -9.11 11.42
C TRP A 391 2.48 -8.04 10.34
N ASP A 392 3.53 -7.86 9.55
CA ASP A 392 3.51 -6.86 8.49
C ASP A 392 3.64 -7.45 7.10
N ALA A 393 2.89 -6.88 6.16
CA ALA A 393 2.95 -7.31 4.77
C ALA A 393 4.01 -6.44 4.14
N GLU A 394 5.13 -7.04 3.75
CA GLU A 394 6.22 -6.29 3.15
C GLU A 394 6.40 -6.64 1.68
N SER A 395 6.72 -5.62 0.88
CA SER A 395 6.92 -5.81 -0.55
C SER A 395 8.38 -5.56 -0.91
N LYS A 396 8.93 -6.46 -1.72
CA LYS A 396 10.32 -6.34 -2.16
C LYS A 396 10.36 -5.27 -3.25
N THR A 397 10.91 -4.10 -2.89
CA THR A 397 11.00 -2.98 -3.83
C THR A 397 12.44 -2.60 -4.10
N SER A 398 12.63 -1.48 -4.79
CA SER A 398 13.98 -1.00 -5.11
C SER A 398 14.62 -0.43 -3.85
N TYR A 399 13.81 -0.34 -2.79
CA TYR A 399 14.29 0.17 -1.51
C TYR A 399 14.38 -0.99 -0.52
N GLY A 400 14.36 -2.21 -1.05
CA GLY A 400 14.42 -3.39 -0.21
C GLY A 400 13.04 -3.77 0.27
N TRP A 401 12.96 -4.45 1.40
CA TRP A 401 11.66 -4.85 1.94
C TRP A 401 11.08 -3.72 2.78
N ILE A 402 9.87 -3.31 2.45
CA ILE A 402 9.19 -2.24 3.17
C ILE A 402 7.77 -2.62 3.55
N GLU A 403 7.37 -2.17 4.74
CA GLU A 403 6.03 -2.44 5.27
C GLU A 403 4.99 -1.61 4.54
N ILE A 404 4.08 -2.28 3.82
CA ILE A 404 3.03 -1.58 3.09
C ILE A 404 1.70 -1.69 3.85
N VAL A 405 1.51 -2.82 4.53
CA VAL A 405 0.31 -3.05 5.32
C VAL A 405 0.75 -3.59 6.68
N GLY A 406 0.24 -3.00 7.76
CA GLY A 406 0.62 -3.45 9.08
C GLY A 406 -0.55 -4.05 9.86
N CYS A 407 -0.47 -5.34 10.15
CA CYS A 407 -1.52 -6.03 10.88
C CYS A 407 -1.04 -6.34 12.30
N ALA A 408 -1.52 -5.57 13.27
CA ALA A 408 -1.14 -5.76 14.67
C ALA A 408 -2.18 -6.50 15.49
N ASP A 409 -1.92 -6.60 16.79
CA ASP A 409 -2.82 -7.28 17.71
C ASP A 409 -2.74 -6.60 19.07
N ARG A 410 -2.83 -5.27 19.02
CA ARG A 410 -2.78 -4.44 20.21
C ARG A 410 -3.97 -4.78 21.12
N SER A 411 -3.87 -5.87 21.87
CA SER A 411 -4.91 -6.29 22.83
C SER A 411 -5.34 -5.06 23.63
N CYS A 412 -6.49 -5.07 24.27
CA CYS A 412 -6.99 -3.95 25.10
C CYS A 412 -6.33 -2.56 25.30
N TYR A 413 -5.02 -2.51 25.52
CA TYR A 413 -4.33 -1.23 25.74
C TYR A 413 -5.17 0.05 25.58
N ASP A 414 -5.33 0.49 24.34
CA ASP A 414 -6.06 1.70 23.97
C ASP A 414 -7.31 2.07 24.76
N LEU A 415 -8.36 1.26 24.63
CA LEU A 415 -9.63 1.51 25.32
C LEU A 415 -9.46 1.82 26.81
N SER A 416 -8.53 1.13 27.46
CA SER A 416 -8.29 1.33 28.88
C SER A 416 -7.75 2.73 29.15
N CYS A 417 -6.71 3.10 28.41
CA CYS A 417 -6.07 4.40 28.56
C CYS A 417 -7.06 5.56 28.49
N HIS A 418 -7.90 5.56 27.46
CA HIS A 418 -8.89 6.62 27.28
C HIS A 418 -9.95 6.59 28.37
N ALA A 419 -10.28 5.40 28.85
CA ALA A 419 -11.29 5.25 29.89
C ALA A 419 -10.73 5.76 31.22
N ARG A 420 -9.52 5.33 31.55
CA ARG A 420 -8.86 5.73 32.79
C ARG A 420 -8.59 7.23 32.86
N ALA A 421 -8.40 7.85 31.71
CA ALA A 421 -8.11 9.28 31.65
C ALA A 421 -9.34 10.17 31.67
N THR A 422 -10.38 9.77 30.95
CA THR A 422 -11.61 10.54 30.87
C THR A 422 -12.60 10.17 31.96
N LYS A 423 -12.28 9.13 32.72
CA LYS A 423 -13.18 8.66 33.77
C LYS A 423 -14.51 8.29 33.12
N VAL A 424 -14.42 7.53 32.05
CA VAL A 424 -15.57 7.06 31.29
C VAL A 424 -15.34 5.62 30.88
N PRO A 425 -16.22 4.70 31.31
CA PRO A 425 -16.08 3.28 30.98
C PRO A 425 -16.31 2.95 29.50
N LEU A 426 -15.48 2.06 28.97
CA LEU A 426 -15.57 1.63 27.58
C LEU A 426 -15.42 0.11 27.55
N VAL A 427 -16.50 -0.60 27.84
CA VAL A 427 -16.47 -2.07 27.86
C VAL A 427 -17.65 -2.74 27.18
N ALA A 428 -17.68 -4.06 27.27
CA ALA A 428 -18.73 -4.88 26.68
C ALA A 428 -19.00 -6.06 27.60
N GLU A 429 -20.16 -6.71 27.43
CA GLU A 429 -20.51 -7.85 28.26
C GLU A 429 -20.73 -9.14 27.48
N LYS A 430 -20.71 -10.26 28.19
CA LYS A 430 -20.89 -11.57 27.59
C LYS A 430 -21.44 -12.56 28.64
N PRO A 431 -22.42 -13.40 28.25
CA PRO A 431 -23.02 -14.38 29.15
C PRO A 431 -22.07 -15.51 29.53
N TYR A 512 -23.89 -13.90 36.05
CA TYR A 512 -24.61 -14.30 34.82
C TYR A 512 -24.03 -13.65 33.57
N VAL A 513 -23.38 -12.50 33.75
CA VAL A 513 -22.76 -11.79 32.64
C VAL A 513 -21.45 -11.15 33.09
N GLU A 514 -20.42 -11.24 32.25
CA GLU A 514 -19.11 -10.69 32.56
C GLU A 514 -18.69 -9.62 31.56
N GLU A 515 -18.16 -8.51 32.06
CA GLU A 515 -17.70 -7.44 31.18
C GLU A 515 -16.26 -7.74 30.78
N VAL A 516 -15.94 -7.52 29.51
CA VAL A 516 -14.59 -7.78 29.02
C VAL A 516 -14.00 -6.62 28.24
N VAL A 517 -12.67 -6.63 28.10
CA VAL A 517 -11.97 -5.60 27.35
C VAL A 517 -11.59 -6.18 25.99
N PRO A 518 -12.28 -5.73 24.94
CA PRO A 518 -12.06 -6.18 23.55
C PRO A 518 -10.61 -6.16 23.10
N ASN A 519 -10.21 -7.19 22.37
CA ASN A 519 -8.86 -7.28 21.84
C ASN A 519 -8.96 -6.90 20.38
N VAL A 520 -8.33 -5.79 20.02
CA VAL A 520 -8.38 -5.29 18.65
C VAL A 520 -7.22 -5.68 17.75
N ILE A 521 -7.56 -6.12 16.54
CA ILE A 521 -6.59 -6.48 15.51
C ILE A 521 -6.70 -5.36 14.48
N GLU A 522 -5.67 -4.53 14.37
CA GLU A 522 -5.75 -3.41 13.45
C GLU A 522 -4.95 -3.50 12.14
N PRO A 523 -5.62 -3.85 11.03
CA PRO A 523 -4.93 -3.94 9.75
C PRO A 523 -4.74 -2.51 9.25
N SER A 524 -3.50 -2.06 9.17
CA SER A 524 -3.21 -0.70 8.73
C SER A 524 -2.71 -0.64 7.29
N PHE A 525 -3.52 -0.06 6.41
CA PHE A 525 -3.17 0.04 5.00
C PHE A 525 -2.64 1.40 4.60
N GLY A 526 -1.49 1.41 3.94
CA GLY A 526 -0.91 2.64 3.48
C GLY A 526 -1.10 2.67 1.98
N LEU A 527 -2.27 3.12 1.55
CA LEU A 527 -2.61 3.19 0.14
C LEU A 527 -1.51 3.83 -0.70
N GLY A 528 -0.69 4.67 -0.06
CA GLY A 528 0.40 5.30 -0.77
C GLY A 528 1.47 4.30 -1.17
N ARG A 529 2.08 3.66 -0.18
CA ARG A 529 3.12 2.67 -0.43
C ARG A 529 2.58 1.51 -1.26
N ILE A 530 1.33 1.14 -1.00
CA ILE A 530 0.69 0.05 -1.72
C ILE A 530 0.59 0.35 -3.21
N MET A 531 0.28 1.59 -3.55
CA MET A 531 0.17 1.97 -4.95
C MET A 531 1.56 1.97 -5.57
N TYR A 532 2.52 2.55 -4.87
CA TYR A 532 3.89 2.62 -5.36
C TYR A 532 4.46 1.24 -5.64
N THR A 533 4.11 0.28 -4.79
CA THR A 533 4.60 -1.08 -4.97
C THR A 533 4.06 -1.61 -6.29
N VAL A 534 2.78 -1.37 -6.53
CA VAL A 534 2.13 -1.81 -7.75
C VAL A 534 2.87 -1.21 -8.95
N PHE A 535 3.36 0.01 -8.78
CA PHE A 535 4.10 0.68 -9.84
C PHE A 535 5.34 -0.12 -10.23
N GLU A 536 6.22 -0.37 -9.27
CA GLU A 536 7.44 -1.12 -9.54
C GLU A 536 7.20 -2.56 -9.98
N HIS A 537 6.28 -3.24 -9.31
CA HIS A 537 5.99 -4.63 -9.64
C HIS A 537 5.35 -4.83 -11.01
N THR A 538 4.73 -3.80 -11.55
CA THR A 538 4.09 -3.91 -12.86
C THR A 538 4.74 -3.08 -13.96
N PHE A 539 5.79 -2.32 -13.60
CA PHE A 539 6.47 -1.50 -14.59
C PHE A 539 7.41 -2.36 -15.43
N HIS A 540 7.19 -2.34 -16.74
CA HIS A 540 8.02 -3.13 -17.66
C HIS A 540 8.50 -2.29 -18.84
N VAL A 541 9.54 -2.76 -19.50
CA VAL A 541 10.10 -2.08 -20.66
C VAL A 541 9.90 -2.97 -21.88
N ARG A 542 9.28 -2.44 -22.93
CA ARG A 542 9.05 -3.23 -24.14
C ARG A 542 10.37 -3.50 -24.85
N GLU A 543 10.56 -4.73 -25.30
CA GLU A 543 11.79 -5.11 -25.99
C GLU A 543 11.87 -4.41 -27.35
N GLY A 544 12.38 -3.19 -27.33
CA GLY A 544 12.50 -2.40 -28.55
C GLY A 544 13.35 -1.18 -28.34
N ASP A 545 14.29 -0.95 -29.26
CA ASP A 545 15.20 0.20 -29.19
C ASP A 545 14.54 1.52 -28.79
N GLU A 546 13.28 1.69 -29.14
CA GLU A 546 12.56 2.92 -28.81
C GLU A 546 12.40 3.10 -27.31
N GLN A 547 12.68 2.04 -26.56
CA GLN A 547 12.59 2.07 -25.10
C GLN A 547 11.23 2.53 -24.60
N ARG A 548 10.19 1.84 -25.03
CA ARG A 548 8.83 2.15 -24.61
C ARG A 548 8.55 1.43 -23.31
N THR A 549 7.69 2.00 -22.48
CA THR A 549 7.36 1.39 -21.19
C THR A 549 5.86 1.18 -21.04
N PHE A 550 5.47 0.43 -20.01
CA PHE A 550 4.07 0.16 -19.75
C PHE A 550 3.89 -0.49 -18.39
N PHE A 551 2.71 -0.33 -17.81
CA PHE A 551 2.41 -0.92 -16.51
C PHE A 551 1.37 -2.02 -16.68
N SER A 552 1.68 -3.21 -16.19
CA SER A 552 0.76 -4.34 -16.29
C SER A 552 -0.25 -4.30 -15.15
N PHE A 553 -1.02 -3.23 -15.11
CA PHE A 553 -2.05 -3.01 -14.11
C PHE A 553 -3.23 -3.96 -14.28
N PRO A 554 -3.73 -4.56 -13.17
CA PRO A 554 -4.87 -5.46 -13.30
C PRO A 554 -6.03 -4.63 -13.85
N ALA A 555 -7.07 -5.28 -14.36
CA ALA A 555 -8.20 -4.54 -14.92
C ALA A 555 -8.98 -3.73 -13.89
N VAL A 556 -8.92 -4.17 -12.63
CA VAL A 556 -9.65 -3.49 -11.56
C VAL A 556 -9.00 -2.21 -11.03
N VAL A 557 -7.78 -1.92 -11.47
CA VAL A 557 -7.09 -0.73 -11.00
C VAL A 557 -6.61 0.19 -12.11
N ALA A 558 -6.52 -0.34 -13.33
CA ALA A 558 -6.06 0.45 -14.47
C ALA A 558 -6.88 1.75 -14.58
N PRO A 559 -6.22 2.86 -14.99
CA PRO A 559 -6.90 4.15 -15.13
C PRO A 559 -8.27 3.93 -15.76
N PHE A 560 -8.27 3.20 -16.87
CA PHE A 560 -9.50 2.84 -17.58
C PHE A 560 -9.20 1.58 -18.37
N LYS A 561 -10.10 0.61 -18.26
CA LYS A 561 -9.97 -0.69 -18.89
C LYS A 561 -9.69 -0.76 -20.39
N CYS A 562 -10.55 -0.14 -21.19
CA CYS A 562 -10.36 -0.20 -22.64
C CYS A 562 -10.13 1.15 -23.32
N SER A 563 -9.40 1.11 -24.41
CA SER A 563 -9.11 2.31 -25.20
C SER A 563 -9.60 2.12 -26.62
N VAL A 564 -10.72 2.75 -26.94
CA VAL A 564 -11.28 2.65 -28.28
C VAL A 564 -10.60 3.67 -29.19
N LEU A 565 -9.79 3.20 -30.13
CA LEU A 565 -9.11 4.11 -31.03
C LEU A 565 -9.33 3.82 -32.50
N PRO A 566 -9.94 4.77 -33.22
CA PRO A 566 -10.23 4.66 -34.64
C PRO A 566 -9.15 5.38 -35.45
N LEU A 567 -9.17 5.23 -36.77
CA LEU A 567 -8.18 5.89 -37.60
C LEU A 567 -8.64 7.29 -37.98
N SER A 568 -9.87 7.41 -38.48
CA SER A 568 -10.42 8.70 -38.87
C SER A 568 -11.57 9.08 -37.94
N GLN A 569 -11.79 10.38 -37.76
CA GLN A 569 -12.85 10.85 -36.89
C GLN A 569 -14.07 11.32 -37.68
N ASN A 570 -14.02 11.16 -39.00
CA ASN A 570 -15.13 11.57 -39.87
C ASN A 570 -16.43 10.86 -39.54
N GLN A 571 -17.53 11.35 -40.10
CA GLN A 571 -18.85 10.78 -39.86
C GLN A 571 -19.01 9.38 -40.45
N GLU A 572 -17.89 8.77 -40.83
CA GLU A 572 -17.89 7.43 -41.40
C GLU A 572 -17.71 6.43 -40.28
N PHE A 573 -16.88 6.80 -39.31
CA PHE A 573 -16.56 5.94 -38.16
C PHE A 573 -17.42 6.20 -36.92
N MET A 574 -17.88 7.44 -36.77
CA MET A 574 -18.69 7.80 -35.61
C MET A 574 -19.78 6.79 -35.25
N PRO A 575 -20.60 6.39 -36.22
CA PRO A 575 -21.66 5.41 -35.91
C PRO A 575 -21.11 4.14 -35.26
N PHE A 576 -19.82 3.90 -35.43
CA PHE A 576 -19.16 2.73 -34.84
C PHE A 576 -18.54 3.07 -33.49
N VAL A 577 -17.85 4.20 -33.44
CA VAL A 577 -17.21 4.64 -32.20
C VAL A 577 -18.30 4.87 -31.16
N LYS A 578 -19.35 5.60 -31.54
CA LYS A 578 -20.46 5.91 -30.66
C LYS A 578 -21.05 4.62 -30.07
N GLU A 579 -21.44 3.71 -30.96
CA GLU A 579 -22.03 2.44 -30.53
C GLU A 579 -21.13 1.69 -29.56
N LEU A 580 -19.92 1.36 -30.00
CA LEU A 580 -18.98 0.63 -29.15
C LEU A 580 -18.88 1.27 -27.78
N SER A 581 -18.63 2.56 -27.74
CA SER A 581 -18.50 3.29 -26.48
C SER A 581 -19.72 3.05 -25.59
N GLU A 582 -20.88 3.47 -26.06
CA GLU A 582 -22.11 3.30 -25.30
C GLU A 582 -22.30 1.83 -24.92
N ALA A 583 -21.96 0.94 -25.85
CA ALA A 583 -22.08 -0.49 -25.62
C ALA A 583 -21.19 -0.92 -24.46
N LEU A 584 -19.96 -0.40 -24.45
CA LEU A 584 -19.01 -0.71 -23.38
C LEU A 584 -19.54 -0.19 -22.05
N THR A 585 -20.07 1.02 -22.08
CA THR A 585 -20.62 1.65 -20.86
C THR A 585 -21.71 0.75 -20.27
N ARG A 586 -22.59 0.25 -21.11
CA ARG A 586 -23.67 -0.63 -20.65
C ARG A 586 -23.10 -1.84 -19.91
N HIS A 587 -21.91 -2.28 -20.34
CA HIS A 587 -21.25 -3.42 -19.71
C HIS A 587 -20.37 -2.99 -18.55
N GLY A 588 -20.38 -1.69 -18.26
CA GLY A 588 -19.59 -1.16 -17.18
C GLY A 588 -18.09 -1.28 -17.37
N VAL A 589 -17.61 -0.90 -18.55
CA VAL A 589 -16.19 -0.97 -18.86
C VAL A 589 -15.65 0.43 -19.12
N SER A 590 -14.85 0.94 -18.20
CA SER A 590 -14.26 2.27 -18.34
C SER A 590 -13.43 2.36 -19.61
N HIS A 591 -13.70 3.37 -20.42
CA HIS A 591 -12.96 3.55 -21.67
C HIS A 591 -12.82 5.03 -22.07
N LYS A 592 -12.09 5.24 -23.16
CA LYS A 592 -11.85 6.57 -23.72
C LYS A 592 -11.51 6.47 -25.20
N VAL A 593 -12.12 7.33 -26.00
CA VAL A 593 -11.86 7.34 -27.44
C VAL A 593 -10.56 8.10 -27.69
N ASP A 594 -9.53 7.40 -28.15
CA ASP A 594 -8.23 7.99 -28.43
C ASP A 594 -8.26 8.98 -29.59
N ASP A 595 -7.71 10.17 -29.37
CA ASP A 595 -7.66 11.21 -30.39
C ASP A 595 -6.24 11.56 -30.80
N SER A 596 -5.29 11.36 -29.88
CA SER A 596 -3.88 11.66 -30.15
C SER A 596 -3.48 11.33 -31.58
N SER A 597 -2.53 12.09 -32.11
CA SER A 597 -2.05 11.88 -33.47
C SER A 597 -0.98 10.80 -33.53
N GLY A 598 -0.66 10.36 -34.74
CA GLY A 598 0.34 9.33 -34.91
C GLY A 598 -0.25 8.02 -35.38
N SER A 599 0.61 7.08 -35.72
CA SER A 599 0.18 5.77 -36.19
C SER A 599 -0.50 4.97 -35.09
N ILE A 600 -1.41 4.09 -35.48
CA ILE A 600 -2.13 3.25 -34.54
C ILE A 600 -1.17 2.58 -33.55
N GLY A 601 0.06 2.35 -33.98
CA GLY A 601 1.04 1.72 -33.11
C GLY A 601 1.61 2.68 -32.09
N ARG A 602 1.72 3.96 -32.48
CA ARG A 602 2.25 4.99 -31.59
C ARG A 602 1.14 5.44 -30.66
N ARG A 603 -0.10 5.26 -31.08
CA ARG A 603 -1.27 5.62 -30.27
C ARG A 603 -1.27 4.71 -29.05
N TYR A 604 -1.24 3.40 -29.30
CA TYR A 604 -1.22 2.41 -28.24
C TYR A 604 0.03 2.52 -27.38
N ALA A 605 1.05 3.19 -27.92
CA ALA A 605 2.30 3.36 -27.20
C ALA A 605 2.08 4.21 -25.96
N ARG A 606 1.24 5.23 -26.09
CA ARG A 606 0.92 6.12 -24.98
C ARG A 606 -0.06 5.43 -24.04
N THR A 607 -0.94 4.61 -24.62
CA THR A 607 -1.93 3.87 -23.85
C THR A 607 -1.26 2.88 -22.91
N ASP A 608 -0.21 2.23 -23.38
CA ASP A 608 0.51 1.26 -22.56
C ASP A 608 1.19 1.93 -21.37
N GLU A 609 1.75 3.12 -21.60
CA GLU A 609 2.43 3.85 -20.53
C GLU A 609 1.58 4.01 -19.27
N ILE A 610 0.33 4.41 -19.43
CA ILE A 610 -0.53 4.60 -18.27
C ILE A 610 -1.22 3.28 -17.90
N GLY A 611 -0.80 2.20 -18.57
CA GLY A 611 -1.33 0.88 -18.29
C GLY A 611 -2.76 0.53 -18.65
N VAL A 612 -3.29 1.10 -19.73
CA VAL A 612 -4.66 0.77 -20.13
C VAL A 612 -4.72 -0.71 -20.49
N ALA A 613 -5.58 -1.45 -19.80
CA ALA A 613 -5.74 -2.89 -19.98
C ALA A 613 -5.87 -3.38 -21.42
N PHE A 614 -6.80 -2.83 -22.18
CA PHE A 614 -7.00 -3.28 -23.55
C PHE A 614 -7.09 -2.15 -24.58
N GLY A 615 -7.74 -2.45 -25.70
CA GLY A 615 -7.89 -1.49 -26.76
C GLY A 615 -8.52 -2.11 -28.00
N VAL A 616 -9.47 -1.39 -28.60
CA VAL A 616 -10.15 -1.87 -29.79
C VAL A 616 -9.84 -0.94 -30.97
N THR A 617 -9.34 -1.53 -32.06
CA THR A 617 -8.99 -0.76 -33.26
C THR A 617 -10.12 -0.80 -34.29
N ILE A 618 -10.63 0.36 -34.64
CA ILE A 618 -11.70 0.46 -35.63
C ILE A 618 -11.15 1.09 -36.90
N ASP A 619 -10.89 0.26 -37.90
CA ASP A 619 -10.36 0.75 -39.17
C ASP A 619 -11.39 0.73 -40.29
N PHE A 620 -10.92 0.95 -41.51
CA PHE A 620 -11.79 0.99 -42.68
C PHE A 620 -12.49 -0.34 -42.95
N ASP A 621 -11.78 -1.45 -42.76
CA ASP A 621 -12.37 -2.76 -42.98
C ASP A 621 -13.51 -3.01 -42.00
N THR A 622 -13.56 -2.18 -40.96
CA THR A 622 -14.60 -2.28 -39.95
C THR A 622 -15.83 -1.52 -40.43
N VAL A 623 -15.58 -0.42 -41.13
CA VAL A 623 -16.64 0.43 -41.65
C VAL A 623 -17.12 -0.01 -43.03
N ASN A 624 -16.18 -0.42 -43.88
CA ASN A 624 -16.51 -0.84 -45.24
C ASN A 624 -16.89 -2.32 -45.36
N LYS A 625 -16.01 -3.21 -44.90
CA LYS A 625 -16.28 -4.63 -44.97
C LYS A 625 -17.49 -5.00 -44.11
N THR A 626 -18.06 -6.17 -44.38
CA THR A 626 -19.21 -6.66 -43.63
C THR A 626 -19.22 -8.19 -43.66
N PRO A 627 -19.42 -8.82 -42.50
CA PRO A 627 -19.63 -8.23 -41.16
C PRO A 627 -18.61 -7.17 -40.76
N HIS A 628 -19.04 -6.29 -39.86
CA HIS A 628 -18.18 -5.21 -39.37
C HIS A 628 -17.42 -5.70 -38.14
N THR A 629 -16.14 -5.99 -38.29
CA THR A 629 -15.32 -6.48 -37.19
C THR A 629 -14.19 -5.52 -36.84
N ALA A 630 -13.87 -5.44 -35.55
CA ALA A 630 -12.80 -4.57 -35.08
C ALA A 630 -11.64 -5.41 -34.53
N THR A 631 -10.56 -4.74 -34.15
CA THR A 631 -9.39 -5.43 -33.62
C THR A 631 -9.26 -5.27 -32.11
N LEU A 632 -9.20 -6.39 -31.40
CA LEU A 632 -9.07 -6.37 -29.94
C LEU A 632 -7.60 -6.63 -29.58
N ARG A 633 -6.93 -5.59 -29.09
CA ARG A 633 -5.52 -5.69 -28.72
C ARG A 633 -5.23 -5.82 -27.23
N ASP A 634 -4.41 -6.80 -26.87
CA ASP A 634 -4.02 -7.01 -25.48
C ASP A 634 -2.82 -6.12 -25.20
N ARG A 635 -2.80 -5.52 -24.02
CA ARG A 635 -1.71 -4.62 -23.62
C ARG A 635 -0.37 -5.30 -23.44
N ASP A 636 -0.30 -6.22 -22.47
CA ASP A 636 0.93 -6.93 -22.16
C ASP A 636 1.56 -7.66 -23.35
N SER A 637 0.76 -8.46 -24.04
CA SER A 637 1.25 -9.23 -25.18
C SER A 637 1.28 -8.47 -26.50
N MET A 638 0.48 -7.42 -26.61
CA MET A 638 0.40 -6.63 -27.85
C MET A 638 -0.23 -7.46 -28.95
N ARG A 639 -0.57 -8.70 -28.63
CA ARG A 639 -1.19 -9.61 -29.58
C ARG A 639 -2.64 -9.16 -29.76
N GLN A 640 -3.14 -9.23 -30.99
CA GLN A 640 -4.49 -8.79 -31.28
C GLN A 640 -5.46 -9.89 -31.71
N ILE A 641 -6.70 -9.49 -31.96
CA ILE A 641 -7.76 -10.40 -32.38
C ILE A 641 -8.74 -9.63 -33.26
N ARG A 642 -9.47 -10.34 -34.11
CA ARG A 642 -10.44 -9.70 -34.98
C ARG A 642 -11.82 -10.33 -34.82
N ALA A 643 -12.68 -9.63 -34.09
CA ALA A 643 -14.04 -10.10 -33.85
C ALA A 643 -15.03 -9.04 -34.28
N GLU A 644 -16.28 -9.44 -34.49
CA GLU A 644 -17.31 -8.49 -34.91
C GLU A 644 -17.48 -7.42 -33.83
N ILE A 645 -17.34 -6.16 -34.23
CA ILE A 645 -17.42 -5.02 -33.33
C ILE A 645 -18.61 -4.97 -32.37
N SER A 646 -19.64 -5.80 -32.59
CA SER A 646 -20.79 -5.77 -31.71
C SER A 646 -20.62 -6.71 -30.52
N GLU A 647 -19.84 -7.78 -30.72
CA GLU A 647 -19.60 -8.75 -29.66
C GLU A 647 -18.43 -8.35 -28.76
N LEU A 648 -17.52 -7.52 -29.29
CA LEU A 648 -16.36 -7.08 -28.54
C LEU A 648 -16.64 -6.56 -27.14
N PRO A 649 -17.73 -5.80 -26.95
CA PRO A 649 -18.04 -5.29 -25.61
C PRO A 649 -18.09 -6.40 -24.57
N SER A 650 -18.97 -7.38 -24.78
CA SER A 650 -19.12 -8.50 -23.85
C SER A 650 -17.79 -9.25 -23.67
N ILE A 651 -16.97 -9.24 -24.70
CA ILE A 651 -15.67 -9.92 -24.65
C ILE A 651 -14.73 -9.17 -23.71
N VAL A 652 -14.61 -7.87 -23.92
CA VAL A 652 -13.74 -7.04 -23.09
C VAL A 652 -14.19 -7.08 -21.64
N GLN A 653 -15.50 -7.24 -21.44
CA GLN A 653 -16.06 -7.30 -20.09
C GLN A 653 -15.54 -8.54 -19.36
N ASP A 654 -15.69 -9.70 -19.97
CA ASP A 654 -15.23 -10.95 -19.36
C ASP A 654 -13.72 -10.92 -19.15
N LEU A 655 -13.00 -10.37 -20.12
CA LEU A 655 -11.55 -10.29 -20.02
C LEU A 655 -11.12 -9.47 -18.81
N ALA A 656 -11.76 -8.33 -18.60
CA ALA A 656 -11.44 -7.46 -17.48
C ALA A 656 -11.90 -8.04 -16.15
N ASN A 657 -13.06 -8.67 -16.16
CA ASN A 657 -13.64 -9.26 -14.95
C ASN A 657 -13.04 -10.63 -14.62
N GLY A 658 -12.10 -11.09 -15.44
CA GLY A 658 -11.47 -12.37 -15.19
C GLY A 658 -12.36 -13.57 -15.42
N ASN A 659 -13.25 -13.48 -16.41
CA ASN A 659 -14.16 -14.57 -16.74
C ASN A 659 -13.65 -15.35 -17.95
N ILE A 660 -12.72 -14.73 -18.67
CA ILE A 660 -12.11 -15.34 -19.86
C ILE A 660 -10.64 -14.94 -19.92
N THR A 661 -9.80 -15.87 -20.35
CA THR A 661 -8.37 -15.61 -20.46
C THR A 661 -8.07 -15.08 -21.86
N TRP A 662 -7.00 -14.31 -21.99
CA TRP A 662 -6.64 -13.78 -23.30
C TRP A 662 -6.38 -14.95 -24.24
N ALA A 663 -5.95 -16.07 -23.66
CA ALA A 663 -5.67 -17.27 -24.43
C ALA A 663 -6.99 -17.80 -24.96
N ASP A 664 -8.03 -17.76 -24.11
CA ASP A 664 -9.35 -18.23 -24.49
C ASP A 664 -9.82 -17.46 -25.73
N VAL A 665 -9.58 -16.15 -25.72
CA VAL A 665 -9.99 -15.30 -26.83
C VAL A 665 -9.31 -15.72 -28.13
N GLU A 666 -7.99 -15.90 -28.08
CA GLU A 666 -7.23 -16.30 -29.27
C GLU A 666 -7.65 -17.66 -29.80
N ALA A 667 -8.37 -18.43 -28.99
CA ALA A 667 -8.82 -19.75 -29.38
C ALA A 667 -10.17 -19.70 -30.08
N ARG A 668 -11.01 -18.75 -29.66
CA ARG A 668 -12.34 -18.59 -30.22
C ARG A 668 -12.36 -17.73 -31.49
N TYR A 669 -11.63 -16.63 -31.47
CA TYR A 669 -11.62 -15.72 -32.63
C TYR A 669 -10.33 -15.75 -33.43
N PRO A 670 -10.41 -15.36 -34.72
CA PRO A 670 -9.27 -15.32 -35.64
C PRO A 670 -8.22 -14.29 -35.28
N LEU A 671 -6.98 -14.75 -35.15
CA LEU A 671 -5.86 -13.89 -34.79
C LEU A 671 -5.67 -12.82 -35.87
N PHE A 672 -5.27 -11.63 -35.45
CA PHE A 672 -5.06 -10.53 -36.38
C PHE A 672 -3.69 -9.90 -36.17
N GLU A 673 -2.81 -10.06 -37.15
CA GLU A 673 -1.46 -9.50 -37.05
C GLU A 673 -1.50 -8.02 -37.46
#